data_1HZ4
#
_entry.id   1HZ4
#
_cell.length_a   87.845
_cell.length_b   87.845
_cell.length_c   110.036
_cell.angle_alpha   90.00
_cell.angle_beta   90.00
_cell.angle_gamma   120.00
#
_symmetry.space_group_name_H-M   'P 32 2 1'
#
loop_
_entity.id
_entity.type
_entity.pdbx_description
1 polymer 'MALT REGULATORY PROTEIN'
2 non-polymer 'SULFATE ION'
3 non-polymer 'BENZOIC ACID'
4 non-polymer GLYCEROL
5 water water
#
_entity_poly.entity_id   1
_entity_poly.type   'polypeptide(L)'
_entity_poly.pdbx_seq_one_letter_code
;GHEIKDIREDTMHAEFNALRAQVAINDGNPDEAERLAKLALEELPPGWFYSRIVATSVLGEVLHCKGELTRSLALMQQTE
QMARQHDVWHYALWSLIQQSEILFAQGFLQTAWETQEKAFQLINEQHLEQLPMHEFLVRIRAQLLWAWARLDEAEASARS
GIEVLSSYQPQQQLQCLAMLIQCSLARGDLDNARSQLNRLENLLGNGKYHSDWISNANKVRVIYWQMTGDKAAAANWLRH
TAKPEFANNHFLQGQWRNIARAQILLGEFEPAEIVLEELNENARSLRLMSDLNRNLLLLNQLYWQAGRKSDAQRVLLDAL
KLANRTGFISHFVIEGEAMAQQLRQLIQLNTLPELEQHRAQRILREINQHHGA
;
_entity_poly.pdbx_strand_id   A
#
loop_
_chem_comp.id
_chem_comp.type
_chem_comp.name
_chem_comp.formula
BEZ non-polymer 'BENZOIC ACID' 'C7 H6 O2'
GOL non-polymer GLYCEROL 'C3 H8 O3'
SO4 non-polymer 'SULFATE ION' 'O4 S -2'
#
# COMPACT_ATOMS: atom_id res chain seq x y z
N GLU A 3 -44.42 -11.89 8.12
CA GLU A 3 -43.23 -11.14 8.62
C GLU A 3 -43.12 -11.15 10.14
N ILE A 4 -43.77 -12.11 10.79
CA ILE A 4 -43.65 -12.22 12.23
C ILE A 4 -42.87 -13.49 12.47
N LYS A 5 -41.81 -13.40 13.25
CA LYS A 5 -41.02 -14.58 13.57
C LYS A 5 -40.52 -14.45 14.99
N ASP A 6 -39.89 -15.51 15.50
CA ASP A 6 -39.34 -15.44 16.85
C ASP A 6 -38.34 -14.30 16.79
N ILE A 7 -38.25 -13.50 17.86
CA ILE A 7 -37.30 -12.40 17.85
C ILE A 7 -35.91 -12.97 17.59
N ARG A 8 -35.67 -14.19 18.06
CA ARG A 8 -34.39 -14.87 17.86
C ARG A 8 -34.05 -14.89 16.36
N GLU A 9 -35.04 -15.20 15.53
CA GLU A 9 -34.83 -15.28 14.10
C GLU A 9 -34.54 -13.90 13.52
N ASP A 10 -35.17 -12.87 14.07
CA ASP A 10 -34.91 -11.53 13.57
C ASP A 10 -33.48 -11.13 13.88
N THR A 11 -33.01 -11.46 15.09
CA THR A 11 -31.66 -11.11 15.46
C THR A 11 -30.66 -11.91 14.65
N MET A 12 -30.96 -13.18 14.40
CA MET A 12 -30.06 -14.00 13.60
C MET A 12 -29.99 -13.43 12.18
N HIS A 13 -31.11 -12.89 11.68
CA HIS A 13 -31.08 -12.30 10.35
C HIS A 13 -30.19 -11.05 10.37
N ALA A 14 -30.22 -10.30 11.46
CA ALA A 14 -29.38 -9.11 11.59
C ALA A 14 -27.91 -9.54 11.60
N GLU A 15 -27.60 -10.67 12.23
CA GLU A 15 -26.22 -11.15 12.23
C GLU A 15 -25.84 -11.52 10.81
N PHE A 16 -26.75 -12.14 10.08
N PHE A 16 -26.78 -12.12 10.09
CA PHE A 16 -26.48 -12.49 8.71
CA PHE A 16 -26.59 -12.51 8.68
C PHE A 16 -26.18 -11.20 7.94
C PHE A 16 -26.29 -11.25 7.87
N ASN A 17 -26.96 -10.15 8.19
CA ASN A 17 -26.70 -8.89 7.47
C ASN A 17 -25.29 -8.37 7.74
N ALA A 18 -24.80 -8.53 8.96
CA ALA A 18 -23.46 -8.07 9.28
C ALA A 18 -22.42 -8.83 8.44
N LEU A 19 -22.60 -10.14 8.34
CA LEU A 19 -21.65 -10.94 7.58
C LEU A 19 -21.84 -10.72 6.08
N ARG A 20 -23.07 -10.46 5.64
CA ARG A 20 -23.29 -10.16 4.23
C ARG A 20 -22.53 -8.86 3.91
N ALA A 21 -22.54 -7.92 4.85
CA ALA A 21 -21.84 -6.65 4.68
C ALA A 21 -20.33 -6.89 4.59
N GLN A 22 -19.82 -7.79 5.42
CA GLN A 22 -18.39 -8.13 5.40
C GLN A 22 -17.98 -8.71 4.05
N VAL A 23 -18.80 -9.60 3.51
CA VAL A 23 -18.49 -10.19 2.21
C VAL A 23 -18.62 -9.10 1.15
N ALA A 24 -19.59 -8.21 1.30
CA ALA A 24 -19.78 -7.14 0.31
C ALA A 24 -18.56 -6.22 0.20
N ILE A 25 -17.99 -5.82 1.33
CA ILE A 25 -16.83 -4.94 1.24
C ILE A 25 -15.64 -5.72 0.70
N ASN A 26 -15.53 -7.01 1.02
CA ASN A 26 -14.45 -7.85 0.50
C ASN A 26 -14.57 -7.96 -1.01
N ASP A 27 -15.81 -7.96 -1.51
CA ASP A 27 -16.07 -8.06 -2.95
C ASP A 27 -16.02 -6.71 -3.64
N GLY A 28 -15.59 -5.67 -2.91
CA GLY A 28 -15.47 -4.34 -3.48
C GLY A 28 -16.78 -3.59 -3.72
N ASN A 29 -17.75 -3.80 -2.84
CA ASN A 29 -19.05 -3.14 -2.94
C ASN A 29 -19.29 -2.40 -1.64
N PRO A 30 -18.57 -1.29 -1.42
CA PRO A 30 -18.72 -0.51 -0.19
C PRO A 30 -20.10 0.06 0.11
N ASP A 31 -20.83 0.46 -0.92
CA ASP A 31 -22.16 1.04 -0.70
C ASP A 31 -23.11 0.00 -0.11
N GLU A 32 -23.06 -1.22 -0.65
CA GLU A 32 -23.91 -2.28 -0.15
C GLU A 32 -23.43 -2.68 1.26
N ALA A 33 -22.11 -2.71 1.45
CA ALA A 33 -21.55 -3.06 2.76
C ALA A 33 -22.03 -2.06 3.80
N GLU A 34 -22.01 -0.78 3.48
CA GLU A 34 -22.46 0.23 4.43
C GLU A 34 -23.95 0.08 4.75
N ARG A 35 -24.75 -0.15 3.71
CA ARG A 35 -26.19 -0.29 3.88
C ARG A 35 -26.50 -1.46 4.81
N LEU A 36 -25.86 -2.59 4.53
CA LEU A 36 -26.08 -3.80 5.31
C LEU A 36 -25.53 -3.74 6.74
N ALA A 37 -24.35 -3.16 6.91
CA ALA A 37 -23.76 -3.05 8.24
C ALA A 37 -24.63 -2.15 9.11
N LYS A 38 -25.15 -1.07 8.53
CA LYS A 38 -26.02 -0.18 9.30
C LYS A 38 -27.32 -0.88 9.69
N LEU A 39 -27.89 -1.63 8.75
CA LEU A 39 -29.12 -2.36 9.04
C LEU A 39 -28.87 -3.35 10.17
N ALA A 40 -27.71 -3.99 10.15
CA ALA A 40 -27.39 -4.96 11.19
C ALA A 40 -27.29 -4.32 12.56
N LEU A 41 -26.49 -3.27 12.67
CA LEU A 41 -26.30 -2.61 13.97
C LEU A 41 -27.60 -2.09 14.57
N GLU A 42 -28.52 -1.65 13.73
CA GLU A 42 -29.81 -1.14 14.23
C GLU A 42 -30.63 -2.23 14.90
N GLU A 43 -30.34 -3.48 14.56
CA GLU A 43 -31.10 -4.60 15.10
C GLU A 43 -30.32 -5.59 15.96
N LEU A 44 -29.11 -5.23 16.37
CA LEU A 44 -28.30 -6.14 17.20
C LEU A 44 -28.24 -5.67 18.64
N PRO A 45 -28.92 -6.40 19.54
CA PRO A 45 -28.93 -6.05 20.96
C PRO A 45 -27.65 -6.46 21.65
N PRO A 46 -27.48 -6.01 22.89
CA PRO A 46 -26.27 -6.40 23.60
C PRO A 46 -26.38 -7.90 23.75
N GLY A 47 -25.24 -8.56 23.81
CA GLY A 47 -25.25 -9.99 23.93
C GLY A 47 -24.83 -10.56 22.59
N TRP A 48 -25.35 -10.00 21.49
CA TRP A 48 -24.98 -10.51 20.17
C TRP A 48 -23.75 -9.75 19.70
N PHE A 49 -22.67 -9.95 20.46
CA PHE A 49 -21.44 -9.22 20.27
C PHE A 49 -20.64 -9.48 19.02
N TYR A 50 -20.67 -10.72 18.53
CA TYR A 50 -19.84 -11.04 17.39
C TYR A 50 -20.21 -10.28 16.12
N SER A 51 -21.48 -10.32 15.78
CA SER A 51 -21.96 -9.61 14.59
C SER A 51 -21.76 -8.10 14.76
N ARG A 52 -21.85 -7.59 16.00
N ARG A 52 -21.84 -7.62 16.00
CA ARG A 52 -21.65 -6.16 16.19
CA ARG A 52 -21.64 -6.20 16.24
C ARG A 52 -20.18 -5.80 15.91
C ARG A 52 -20.20 -5.82 15.91
N ILE A 53 -19.25 -6.69 16.28
CA ILE A 53 -17.84 -6.45 16.00
C ILE A 53 -17.68 -6.45 14.48
N VAL A 54 -18.24 -7.44 13.80
CA VAL A 54 -18.12 -7.50 12.35
C VAL A 54 -18.68 -6.25 11.67
N ALA A 55 -19.90 -5.85 12.02
CA ALA A 55 -20.50 -4.68 11.37
C ALA A 55 -19.73 -3.39 11.63
N THR A 56 -19.22 -3.24 12.84
CA THR A 56 -18.46 -2.03 13.15
C THR A 56 -17.17 -2.06 12.34
N SER A 57 -16.55 -3.22 12.25
CA SER A 57 -15.30 -3.38 11.49
C SER A 57 -15.58 -3.04 10.03
N VAL A 58 -16.70 -3.53 9.51
CA VAL A 58 -17.05 -3.26 8.12
C VAL A 58 -17.23 -1.76 7.87
N LEU A 59 -17.89 -1.06 8.78
CA LEU A 59 -18.07 0.38 8.60
C LEU A 59 -16.70 1.05 8.62
N GLY A 60 -15.77 0.53 9.40
CA GLY A 60 -14.42 1.09 9.39
C GLY A 60 -13.81 0.94 8.00
N GLU A 61 -13.99 -0.22 7.39
CA GLU A 61 -13.45 -0.45 6.05
C GLU A 61 -14.12 0.46 5.03
N VAL A 62 -15.42 0.68 5.20
CA VAL A 62 -16.16 1.54 4.28
C VAL A 62 -15.62 2.96 4.35
N LEU A 63 -15.42 3.48 5.55
CA LEU A 63 -14.94 4.85 5.68
C LEU A 63 -13.53 4.97 5.13
N HIS A 64 -12.74 3.91 5.28
CA HIS A 64 -11.38 3.91 4.76
C HIS A 64 -11.48 4.05 3.24
N CYS A 65 -12.34 3.25 2.63
N CYS A 65 -12.36 3.25 2.64
CA CYS A 65 -12.53 3.32 1.18
CA CYS A 65 -12.60 3.27 1.20
C CYS A 65 -12.92 4.72 0.74
C CYS A 65 -13.03 4.65 0.70
N LYS A 66 -13.83 5.33 1.49
CA LYS A 66 -14.32 6.68 1.17
C LYS A 66 -13.29 7.79 1.39
N GLY A 67 -12.17 7.46 2.00
CA GLY A 67 -11.17 8.47 2.26
C GLY A 67 -11.44 9.27 3.52
N GLU A 68 -12.39 8.83 4.34
CA GLU A 68 -12.71 9.51 5.60
C GLU A 68 -11.86 8.80 6.65
N LEU A 69 -10.57 9.05 6.56
CA LEU A 69 -9.57 8.40 7.38
C LEU A 69 -9.63 8.62 8.87
N THR A 70 -9.94 9.83 9.30
CA THR A 70 -10.01 10.11 10.73
C THR A 70 -11.18 9.34 11.35
N ARG A 71 -12.33 9.39 10.71
CA ARG A 71 -13.49 8.65 11.21
C ARG A 71 -13.27 7.14 11.07
N SER A 72 -12.58 6.72 10.01
CA SER A 72 -12.30 5.30 9.82
C SER A 72 -11.45 4.79 10.99
N LEU A 73 -10.41 5.54 11.34
CA LEU A 73 -9.54 5.15 12.44
C LEU A 73 -10.34 5.03 13.74
N ALA A 74 -11.29 5.94 13.95
CA ALA A 74 -12.10 5.90 15.16
C ALA A 74 -12.89 4.59 15.20
N LEU A 75 -13.45 4.19 14.06
CA LEU A 75 -14.21 2.94 14.01
C LEU A 75 -13.31 1.73 14.16
N MET A 76 -12.09 1.79 13.60
CA MET A 76 -11.17 0.68 13.75
C MET A 76 -10.84 0.52 15.24
N GLN A 77 -10.63 1.64 15.91
CA GLN A 77 -10.30 1.61 17.34
C GLN A 77 -11.48 1.02 18.14
N GLN A 78 -12.70 1.42 17.79
CA GLN A 78 -13.88 0.88 18.46
C GLN A 78 -13.93 -0.63 18.26
N THR A 79 -13.66 -1.07 17.03
CA THR A 79 -13.67 -2.48 16.70
C THR A 79 -12.62 -3.24 17.49
N GLU A 80 -11.42 -2.69 17.56
CA GLU A 80 -10.33 -3.34 18.28
C GLU A 80 -10.70 -3.55 19.74
N GLN A 81 -11.26 -2.51 20.36
CA GLN A 81 -11.64 -2.60 21.77
C GLN A 81 -12.72 -3.66 22.00
N MET A 82 -13.75 -3.67 21.18
CA MET A 82 -14.80 -4.68 21.34
C MET A 82 -14.25 -6.07 21.11
N ALA A 83 -13.39 -6.23 20.11
CA ALA A 83 -12.83 -7.54 19.83
C ALA A 83 -11.98 -8.02 21.00
N ARG A 84 -11.17 -7.14 21.57
CA ARG A 84 -10.36 -7.52 22.71
C ARG A 84 -11.25 -7.93 23.89
N GLN A 85 -12.32 -7.16 24.11
CA GLN A 85 -13.25 -7.44 25.21
C GLN A 85 -13.84 -8.83 25.14
N HIS A 86 -14.02 -9.34 23.92
CA HIS A 86 -14.62 -10.66 23.74
C HIS A 86 -13.67 -11.72 23.21
N ASP A 87 -12.36 -11.47 23.32
CA ASP A 87 -11.36 -12.43 22.86
C ASP A 87 -11.50 -12.85 21.40
N VAL A 88 -11.96 -11.92 20.56
CA VAL A 88 -12.11 -12.18 19.13
C VAL A 88 -10.82 -11.66 18.51
N TRP A 89 -9.78 -12.47 18.67
CA TRP A 89 -8.45 -12.08 18.24
C TRP A 89 -8.27 -11.75 16.78
N HIS A 90 -8.93 -12.47 15.89
CA HIS A 90 -8.77 -12.19 14.47
C HIS A 90 -9.27 -10.80 14.09
N TYR A 91 -10.35 -10.31 14.71
CA TYR A 91 -10.80 -8.96 14.39
C TYR A 91 -9.94 -7.90 15.07
N ALA A 92 -9.36 -8.22 16.23
CA ALA A 92 -8.49 -7.26 16.88
C ALA A 92 -7.21 -7.10 16.04
N LEU A 93 -6.67 -8.21 15.54
CA LEU A 93 -5.47 -8.18 14.71
C LEU A 93 -5.77 -7.49 13.37
N TRP A 94 -6.90 -7.82 12.74
CA TRP A 94 -7.27 -7.20 11.47
C TRP A 94 -7.41 -5.69 11.66
N SER A 95 -7.95 -5.27 12.81
CA SER A 95 -8.11 -3.85 13.07
C SER A 95 -6.76 -3.16 13.13
N LEU A 96 -5.82 -3.74 13.88
CA LEU A 96 -4.50 -3.14 13.99
C LEU A 96 -3.79 -3.06 12.64
N ILE A 97 -3.98 -4.07 11.79
CA ILE A 97 -3.38 -4.06 10.46
C ILE A 97 -3.94 -2.89 9.66
N GLN A 98 -5.25 -2.72 9.70
CA GLN A 98 -5.87 -1.63 8.96
C GLN A 98 -5.45 -0.26 9.50
N GLN A 99 -5.29 -0.17 10.81
CA GLN A 99 -4.89 1.11 11.40
C GLN A 99 -3.51 1.46 10.87
N SER A 100 -2.62 0.47 10.81
N SER A 100 -2.64 0.44 10.81
CA SER A 100 -1.28 0.74 10.30
CA SER A 100 -1.27 0.61 10.32
C SER A 100 -1.40 1.21 8.85
C SER A 100 -1.28 1.06 8.85
N GLU A 101 -2.22 0.52 8.06
CA GLU A 101 -2.36 0.89 6.66
C GLU A 101 -2.70 2.37 6.49
N ILE A 102 -3.64 2.87 7.27
CA ILE A 102 -4.00 4.28 7.18
C ILE A 102 -2.83 5.15 7.61
N LEU A 103 -2.18 4.80 8.72
CA LEU A 103 -1.07 5.60 9.21
C LEU A 103 0.05 5.67 8.19
N PHE A 104 0.37 4.55 7.55
CA PHE A 104 1.43 4.55 6.56
C PHE A 104 1.03 5.45 5.39
N ALA A 105 -0.21 5.35 4.94
CA ALA A 105 -0.67 6.18 3.84
C ALA A 105 -0.56 7.66 4.19
N GLN A 106 -0.80 8.00 5.45
CA GLN A 106 -0.72 9.39 5.90
C GLN A 106 0.72 9.87 6.08
N GLY A 107 1.68 8.96 5.89
CA GLY A 107 3.08 9.31 6.04
C GLY A 107 3.58 9.29 7.48
N PHE A 108 2.81 8.69 8.38
CA PHE A 108 3.22 8.61 9.79
C PHE A 108 3.82 7.23 10.00
N LEU A 109 4.99 7.02 9.44
CA LEU A 109 5.64 5.72 9.48
C LEU A 109 6.07 5.23 10.86
N GLN A 110 6.48 6.12 11.74
CA GLN A 110 6.88 5.68 13.07
C GLN A 110 5.63 5.19 13.82
N THR A 111 4.53 5.93 13.65
CA THR A 111 3.28 5.54 14.32
C THR A 111 2.80 4.22 13.71
N ALA A 112 2.97 4.04 12.41
CA ALA A 112 2.55 2.79 11.78
C ALA A 112 3.38 1.65 12.36
N TRP A 113 4.68 1.88 12.54
CA TRP A 113 5.54 0.84 13.10
C TRP A 113 5.07 0.45 14.50
N GLU A 114 4.74 1.45 15.31
CA GLU A 114 4.28 1.21 16.68
C GLU A 114 2.97 0.43 16.68
N THR A 115 2.11 0.72 15.70
CA THR A 115 0.83 0.02 15.63
C THR A 115 1.09 -1.42 15.21
N GLN A 116 2.02 -1.62 14.29
CA GLN A 116 2.35 -2.97 13.86
C GLN A 116 2.91 -3.72 15.07
N GLU A 117 3.69 -3.00 15.88
CA GLU A 117 4.30 -3.60 17.07
C GLU A 117 3.21 -4.10 18.04
N LYS A 118 2.11 -3.35 18.16
CA LYS A 118 1.02 -3.79 19.02
C LYS A 118 0.46 -5.10 18.45
N ALA A 119 0.42 -5.20 17.13
CA ALA A 119 -0.10 -6.40 16.50
C ALA A 119 0.83 -7.59 16.77
N PHE A 120 2.14 -7.37 16.70
CA PHE A 120 3.07 -8.46 17.00
C PHE A 120 2.93 -8.87 18.46
N GLN A 121 2.70 -7.87 19.33
CA GLN A 121 2.54 -8.15 20.75
C GLN A 121 1.31 -9.04 20.95
N LEU A 122 0.21 -8.68 20.29
CA LEU A 122 -1.03 -9.47 20.39
C LEU A 122 -0.82 -10.89 19.90
N ILE A 123 -0.14 -11.06 18.78
CA ILE A 123 0.16 -12.37 18.22
C ILE A 123 0.97 -13.21 19.20
N ASN A 124 1.94 -12.58 19.84
CA ASN A 124 2.77 -13.30 20.79
C ASN A 124 1.96 -13.70 22.02
N GLU A 125 1.20 -12.77 22.57
CA GLU A 125 0.39 -13.04 23.76
C GLU A 125 -0.65 -14.13 23.55
N GLN A 126 -1.34 -14.10 22.41
CA GLN A 126 -2.39 -15.07 22.13
C GLN A 126 -1.97 -16.24 21.25
N HIS A 127 -0.67 -16.38 21.03
CA HIS A 127 -0.13 -17.49 20.24
C HIS A 127 -0.79 -17.58 18.87
N LEU A 128 -0.76 -16.48 18.12
CA LEU A 128 -1.38 -16.44 16.80
C LEU A 128 -0.39 -16.56 15.63
N GLU A 129 0.84 -16.96 15.93
CA GLU A 129 1.90 -17.07 14.92
C GLU A 129 1.65 -17.88 13.65
N GLN A 130 1.09 -19.07 13.79
CA GLN A 130 0.87 -19.90 12.61
C GLN A 130 -0.27 -19.42 11.73
N LEU A 131 -1.12 -18.54 12.29
CA LEU A 131 -2.30 -18.02 11.60
C LEU A 131 -2.03 -17.14 10.36
N PRO A 132 -2.84 -17.34 9.29
CA PRO A 132 -2.71 -16.61 8.02
C PRO A 132 -2.57 -15.10 8.06
N MET A 133 -3.28 -14.43 8.96
CA MET A 133 -3.24 -12.99 9.05
C MET A 133 -1.85 -12.49 9.42
N HIS A 134 -1.05 -13.37 9.97
CA HIS A 134 0.31 -13.03 10.36
C HIS A 134 1.07 -12.61 9.10
N GLU A 135 0.76 -13.23 7.95
CA GLU A 135 1.44 -12.84 6.71
C GLU A 135 1.14 -11.40 6.32
N PHE A 136 -0.10 -10.96 6.51
CA PHE A 136 -0.45 -9.60 6.14
C PHE A 136 0.38 -8.63 7.00
N LEU A 137 0.48 -8.94 8.29
CA LEU A 137 1.26 -8.09 9.19
C LEU A 137 2.73 -8.03 8.80
N VAL A 138 3.36 -9.18 8.54
CA VAL A 138 4.77 -9.12 8.18
C VAL A 138 4.96 -8.47 6.81
N ARG A 139 3.94 -8.53 5.97
CA ARG A 139 4.04 -7.89 4.66
C ARG A 139 4.03 -6.37 4.82
N ILE A 140 3.13 -5.83 5.63
CA ILE A 140 3.12 -4.38 5.80
C ILE A 140 4.33 -3.92 6.63
N ARG A 141 4.85 -4.80 7.49
CA ARG A 141 6.06 -4.46 8.23
C ARG A 141 7.19 -4.39 7.20
N ALA A 142 7.20 -5.32 6.25
CA ALA A 142 8.23 -5.30 5.19
C ALA A 142 8.14 -4.02 4.37
N GLN A 143 6.92 -3.58 4.08
CA GLN A 143 6.73 -2.36 3.29
C GLN A 143 7.36 -1.16 3.98
N LEU A 144 7.14 -1.08 5.28
CA LEU A 144 7.67 0.00 6.07
C LEU A 144 9.20 -0.08 6.14
N LEU A 145 9.74 -1.27 6.39
CA LEU A 145 11.19 -1.46 6.44
C LEU A 145 11.80 -1.10 5.09
N TRP A 146 11.10 -1.44 4.01
CA TRP A 146 11.59 -1.13 2.68
C TRP A 146 11.66 0.39 2.50
N ALA A 147 10.62 1.10 2.91
CA ALA A 147 10.66 2.57 2.76
C ALA A 147 11.91 3.13 3.44
N TRP A 148 12.21 2.60 4.62
CA TRP A 148 13.36 3.04 5.41
C TRP A 148 14.69 2.48 4.95
N ALA A 149 14.68 1.70 3.87
CA ALA A 149 15.87 1.11 3.29
C ALA A 149 16.54 0.06 4.17
N ARG A 150 15.76 -0.61 5.00
CA ARG A 150 16.28 -1.69 5.84
C ARG A 150 15.88 -2.91 5.03
N LEU A 151 16.61 -3.11 3.94
CA LEU A 151 16.31 -4.17 2.99
C LEU A 151 16.47 -5.59 3.49
N ASP A 152 17.53 -5.89 4.25
CA ASP A 152 17.68 -7.25 4.75
C ASP A 152 16.50 -7.59 5.64
N GLU A 153 16.12 -6.65 6.51
CA GLU A 153 14.98 -6.88 7.40
C GLU A 153 13.68 -7.00 6.60
N ALA A 154 13.51 -6.15 5.60
CA ALA A 154 12.29 -6.23 4.79
C ALA A 154 12.16 -7.59 4.10
N GLU A 155 13.27 -8.06 3.56
CA GLU A 155 13.28 -9.35 2.87
C GLU A 155 12.96 -10.46 3.84
N ALA A 156 13.56 -10.43 5.02
CA ALA A 156 13.29 -11.47 6.01
C ALA A 156 11.83 -11.45 6.40
N SER A 157 11.26 -10.25 6.50
CA SER A 157 9.85 -10.13 6.86
C SER A 157 8.99 -10.76 5.76
N ALA A 158 9.30 -10.45 4.51
CA ALA A 158 8.54 -11.02 3.40
C ALA A 158 8.68 -12.54 3.38
N ARG A 159 9.88 -13.06 3.64
CA ARG A 159 10.05 -14.52 3.61
C ARG A 159 9.30 -15.18 4.76
N SER A 160 9.17 -14.49 5.90
CA SER A 160 8.42 -15.08 7.00
C SER A 160 6.95 -15.18 6.59
N GLY A 161 6.48 -14.23 5.77
CA GLY A 161 5.11 -14.25 5.29
C GLY A 161 4.89 -15.45 4.38
N ILE A 162 5.86 -15.70 3.50
CA ILE A 162 5.79 -16.84 2.60
C ILE A 162 5.77 -18.13 3.43
N GLU A 163 6.54 -18.18 4.50
CA GLU A 163 6.56 -19.37 5.34
C GLU A 163 5.21 -19.56 6.04
N VAL A 164 4.63 -18.48 6.55
CA VAL A 164 3.32 -18.56 7.20
C VAL A 164 2.29 -19.20 6.27
N LEU A 165 2.38 -18.92 4.98
CA LEU A 165 1.42 -19.44 4.01
C LEU A 165 1.91 -20.69 3.26
N SER A 166 2.93 -21.36 3.79
CA SER A 166 3.49 -22.52 3.11
C SER A 166 2.52 -23.67 2.83
N SER A 167 1.48 -23.81 3.63
CA SER A 167 0.52 -24.88 3.42
C SER A 167 -0.56 -24.54 2.41
N TYR A 168 -0.64 -23.27 2.01
CA TYR A 168 -1.66 -22.82 1.07
C TYR A 168 -1.16 -22.80 -0.36
N GLN A 169 -2.07 -22.63 -1.31
CA GLN A 169 -1.68 -22.64 -2.70
C GLN A 169 -0.64 -21.55 -2.98
N PRO A 170 0.30 -21.81 -3.89
CA PRO A 170 1.34 -20.83 -4.20
C PRO A 170 0.83 -19.43 -4.57
N GLN A 171 -0.35 -19.36 -5.17
CA GLN A 171 -0.93 -18.07 -5.54
C GLN A 171 -1.09 -17.13 -4.35
N GLN A 172 -1.26 -17.70 -3.16
CA GLN A 172 -1.42 -16.86 -1.96
C GLN A 172 -0.17 -16.06 -1.61
N GLN A 173 0.97 -16.43 -2.18
CA GLN A 173 2.23 -15.75 -1.88
C GLN A 173 2.50 -14.59 -2.81
N LEU A 174 1.55 -14.27 -3.69
CA LEU A 174 1.78 -13.21 -4.66
C LEU A 174 2.33 -11.91 -4.07
N GLN A 175 1.71 -11.40 -3.02
CA GLN A 175 2.16 -10.12 -2.48
C GLN A 175 3.49 -10.16 -1.75
N CYS A 176 3.77 -11.23 -1.00
CA CYS A 176 5.08 -11.30 -0.36
C CYS A 176 6.15 -11.51 -1.42
N LEU A 177 5.81 -12.19 -2.52
CA LEU A 177 6.78 -12.39 -3.60
C LEU A 177 7.05 -11.03 -4.25
N ALA A 178 6.00 -10.22 -4.43
CA ALA A 178 6.19 -8.91 -5.00
C ALA A 178 7.13 -8.10 -4.10
N MET A 179 7.00 -8.28 -2.77
CA MET A 179 7.87 -7.56 -1.85
C MET A 179 9.31 -8.03 -1.99
N LEU A 180 9.53 -9.33 -2.18
CA LEU A 180 10.89 -9.83 -2.36
C LEU A 180 11.49 -9.16 -3.60
N ILE A 181 10.71 -9.06 -4.66
CA ILE A 181 11.19 -8.41 -5.88
C ILE A 181 11.48 -6.94 -5.62
N GLN A 182 10.60 -6.29 -4.86
CA GLN A 182 10.80 -4.88 -4.55
C GLN A 182 12.14 -4.72 -3.83
N CYS A 183 12.50 -5.66 -2.97
CA CYS A 183 13.79 -5.60 -2.27
C CYS A 183 14.93 -5.77 -3.27
N SER A 184 14.81 -6.73 -4.18
CA SER A 184 15.84 -6.97 -5.18
C SER A 184 16.03 -5.72 -6.04
N LEU A 185 14.93 -5.07 -6.40
CA LEU A 185 15.02 -3.87 -7.21
C LEU A 185 15.75 -2.74 -6.49
N ALA A 186 15.48 -2.54 -5.20
CA ALA A 186 16.16 -1.49 -4.45
C ALA A 186 17.66 -1.78 -4.31
N ARG A 187 18.03 -3.05 -4.32
N ARG A 187 18.03 -3.05 -4.30
CA ARG A 187 19.44 -3.45 -4.20
CA ARG A 187 19.43 -3.46 -4.20
C ARG A 187 20.14 -3.33 -5.56
C ARG A 187 20.14 -3.35 -5.54
N GLY A 188 19.37 -3.29 -6.63
CA GLY A 188 19.94 -3.24 -7.95
C GLY A 188 20.34 -4.64 -8.37
N ASP A 189 19.76 -5.65 -7.71
CA ASP A 189 20.06 -7.05 -8.01
C ASP A 189 19.05 -7.52 -9.05
N LEU A 190 19.29 -7.12 -10.29
CA LEU A 190 18.38 -7.44 -11.37
C LEU A 190 18.31 -8.91 -11.75
N ASP A 191 19.38 -9.67 -11.53
CA ASP A 191 19.34 -11.09 -11.85
C ASP A 191 18.32 -11.77 -10.96
N ASN A 192 18.40 -11.50 -9.66
CA ASN A 192 17.44 -12.10 -8.75
C ASN A 192 16.04 -11.57 -8.97
N ALA A 193 15.93 -10.26 -9.25
CA ALA A 193 14.62 -9.69 -9.51
C ALA A 193 13.97 -10.41 -10.70
N ARG A 194 14.75 -10.64 -11.76
CA ARG A 194 14.21 -11.30 -12.94
C ARG A 194 13.77 -12.73 -12.64
N SER A 195 14.57 -13.46 -11.87
CA SER A 195 14.23 -14.83 -11.53
C SER A 195 12.94 -14.86 -10.70
N GLN A 196 12.85 -13.95 -9.74
CA GLN A 196 11.66 -13.85 -8.90
C GLN A 196 10.46 -13.40 -9.73
N LEU A 197 10.69 -12.49 -10.67
CA LEU A 197 9.61 -12.03 -11.54
C LEU A 197 9.08 -13.15 -12.41
N ASN A 198 9.94 -14.12 -12.77
CA ASN A 198 9.47 -15.24 -13.56
C ASN A 198 8.37 -15.95 -12.75
N ARG A 199 8.61 -16.12 -11.46
CA ARG A 199 7.63 -16.78 -10.61
C ARG A 199 6.38 -15.93 -10.44
N LEU A 200 6.58 -14.63 -10.24
CA LEU A 200 5.45 -13.72 -10.08
C LEU A 200 4.55 -13.74 -11.31
N GLU A 201 5.15 -13.67 -12.49
CA GLU A 201 4.35 -13.67 -13.72
C GLU A 201 3.62 -15.00 -13.92
N ASN A 202 4.25 -16.10 -13.52
CA ASN A 202 3.58 -17.39 -13.62
C ASN A 202 2.36 -17.40 -12.69
N LEU A 203 2.52 -16.83 -11.48
CA LEU A 203 1.38 -16.80 -10.57
C LEU A 203 0.29 -15.90 -11.14
N LEU A 204 0.67 -14.75 -11.70
CA LEU A 204 -0.32 -13.83 -12.28
C LEU A 204 -1.14 -14.47 -13.38
N GLY A 205 -0.52 -15.38 -14.13
CA GLY A 205 -1.24 -16.02 -15.22
C GLY A 205 -2.02 -17.24 -14.76
N ASN A 206 -2.05 -17.48 -13.45
CA ASN A 206 -2.74 -18.64 -12.92
C ASN A 206 -3.64 -18.39 -11.73
N GLY A 207 -4.48 -17.38 -11.85
CA GLY A 207 -5.42 -17.08 -10.80
C GLY A 207 -6.21 -15.83 -11.15
N LYS A 208 -7.37 -15.67 -10.51
CA LYS A 208 -8.20 -14.49 -10.70
C LYS A 208 -8.01 -13.75 -9.38
N TYR A 209 -7.27 -12.64 -9.43
CA TYR A 209 -6.96 -11.87 -8.23
C TYR A 209 -7.69 -10.56 -8.12
N HIS A 210 -7.66 -10.00 -6.91
CA HIS A 210 -8.24 -8.69 -6.66
C HIS A 210 -7.39 -7.68 -7.42
N SER A 211 -8.02 -6.61 -7.86
N SER A 211 -8.02 -6.61 -7.86
CA SER A 211 -7.32 -5.58 -8.61
CA SER A 211 -7.32 -5.57 -8.60
C SER A 211 -6.12 -5.00 -7.86
C SER A 211 -6.13 -4.99 -7.86
N ASP A 212 -6.23 -4.85 -6.54
CA ASP A 212 -5.14 -4.28 -5.78
C ASP A 212 -3.93 -5.21 -5.71
N TRP A 213 -4.18 -6.52 -5.73
CA TRP A 213 -3.07 -7.48 -5.73
C TRP A 213 -2.36 -7.35 -7.07
N ILE A 214 -3.14 -7.26 -8.13
CA ILE A 214 -2.59 -7.15 -9.47
C ILE A 214 -1.80 -5.86 -9.64
N SER A 215 -2.32 -4.76 -9.11
CA SER A 215 -1.60 -3.49 -9.24
C SER A 215 -0.30 -3.52 -8.45
N ASN A 216 -0.29 -4.24 -7.32
CA ASN A 216 0.93 -4.34 -6.52
C ASN A 216 1.96 -5.18 -7.28
N ALA A 217 1.53 -6.27 -7.87
CA ALA A 217 2.43 -7.10 -8.64
C ALA A 217 2.94 -6.31 -9.86
N ASN A 218 2.03 -5.58 -10.51
CA ASN A 218 2.44 -4.82 -11.68
C ASN A 218 3.38 -3.68 -11.33
N LYS A 219 3.29 -3.18 -10.09
CA LYS A 219 4.15 -2.11 -9.65
C LYS A 219 5.61 -2.49 -9.82
N VAL A 220 5.98 -3.70 -9.37
CA VAL A 220 7.35 -4.13 -9.48
C VAL A 220 7.72 -4.55 -10.90
N ARG A 221 6.75 -5.05 -11.66
CA ARG A 221 7.03 -5.40 -13.04
C ARG A 221 7.39 -4.14 -13.83
N VAL A 222 6.60 -3.08 -13.68
CA VAL A 222 6.88 -1.83 -14.39
C VAL A 222 8.21 -1.21 -13.97
N ILE A 223 8.52 -1.27 -12.68
CA ILE A 223 9.81 -0.73 -12.25
C ILE A 223 10.93 -1.54 -12.88
N TYR A 224 10.78 -2.87 -12.94
CA TYR A 224 11.80 -3.69 -13.58
C TYR A 224 11.93 -3.34 -15.06
N TRP A 225 10.81 -3.15 -15.75
CA TRP A 225 10.87 -2.79 -17.16
C TRP A 225 11.57 -1.44 -17.30
N GLN A 226 11.29 -0.51 -16.40
CA GLN A 226 11.97 0.79 -16.48
C GLN A 226 13.48 0.59 -16.30
N MET A 227 13.89 -0.20 -15.31
CA MET A 227 15.30 -0.42 -15.07
C MET A 227 16.05 -1.15 -16.19
N THR A 228 15.32 -1.92 -16.98
CA THR A 228 15.94 -2.66 -18.07
C THR A 228 15.59 -2.08 -19.45
N GLY A 229 14.97 -0.89 -19.43
CA GLY A 229 14.59 -0.24 -20.68
C GLY A 229 13.68 -1.08 -21.55
N ASP A 230 12.82 -1.87 -20.92
CA ASP A 230 11.92 -2.74 -21.67
C ASP A 230 10.65 -2.02 -22.10
N LYS A 231 10.78 -1.15 -23.10
CA LYS A 231 9.63 -0.41 -23.61
C LYS A 231 8.58 -1.33 -24.23
N ALA A 232 9.01 -2.40 -24.88
CA ALA A 232 8.07 -3.33 -25.50
C ALA A 232 7.13 -3.92 -24.46
N ALA A 233 7.70 -4.43 -23.37
CA ALA A 233 6.89 -5.04 -22.31
C ALA A 233 5.97 -4.02 -21.67
N ALA A 234 6.49 -2.82 -21.41
CA ALA A 234 5.68 -1.77 -20.78
C ALA A 234 4.52 -1.34 -21.66
N ALA A 235 4.78 -1.21 -22.97
CA ALA A 235 3.74 -0.79 -23.90
C ALA A 235 2.64 -1.85 -24.01
N ASN A 236 3.02 -3.12 -24.10
CA ASN A 236 2.02 -4.18 -24.18
C ASN A 236 1.20 -4.21 -22.89
N TRP A 237 1.89 -4.07 -21.76
CA TRP A 237 1.19 -4.07 -20.48
C TRP A 237 0.20 -2.90 -20.41
N LEU A 238 0.68 -1.72 -20.77
CA LEU A 238 -0.15 -0.52 -20.71
C LEU A 238 -1.39 -0.59 -21.58
N ARG A 239 -1.27 -1.18 -22.76
CA ARG A 239 -2.42 -1.29 -23.65
C ARG A 239 -3.53 -2.17 -23.09
N HIS A 240 -3.17 -3.19 -22.32
CA HIS A 240 -4.16 -4.10 -21.77
C HIS A 240 -4.49 -3.97 -20.29
N THR A 241 -3.82 -3.07 -19.58
CA THR A 241 -4.10 -2.96 -18.16
C THR A 241 -5.39 -2.20 -17.87
N ALA A 242 -5.94 -2.42 -16.68
CA ALA A 242 -7.17 -1.75 -16.27
C ALA A 242 -6.92 -0.26 -16.06
N LYS A 243 -7.85 0.56 -16.51
CA LYS A 243 -7.73 2.01 -16.37
C LYS A 243 -9.01 2.57 -15.77
N PRO A 244 -9.34 2.16 -14.55
CA PRO A 244 -10.56 2.64 -13.90
C PRO A 244 -10.43 4.15 -13.68
N GLU A 245 -11.49 4.90 -13.99
CA GLU A 245 -11.44 6.34 -13.82
C GLU A 245 -10.98 6.63 -12.39
N PHE A 246 -9.95 7.46 -12.26
CA PHE A 246 -9.41 7.78 -10.93
C PHE A 246 -10.49 8.37 -10.04
N ALA A 247 -11.18 9.38 -10.55
CA ALA A 247 -12.29 10.01 -9.86
C ALA A 247 -12.12 10.25 -8.36
N ASN A 248 -11.01 10.88 -8.00
CA ASN A 248 -10.73 11.21 -6.61
C ASN A 248 -10.84 10.03 -5.64
N ASN A 249 -10.39 8.86 -6.10
N ASN A 249 -10.42 8.85 -6.09
CA ASN A 249 -10.42 7.63 -5.31
CA ASN A 249 -10.45 7.65 -5.25
C ASN A 249 -8.99 7.31 -4.92
C ASN A 249 -9.01 7.30 -4.90
N HIS A 250 -8.62 7.57 -3.67
CA HIS A 250 -7.25 7.31 -3.25
C HIS A 250 -6.79 5.87 -3.38
N PHE A 251 -7.72 4.92 -3.37
CA PHE A 251 -7.34 3.52 -3.49
C PHE A 251 -6.81 3.21 -4.90
N LEU A 252 -7.00 4.15 -5.82
CA LEU A 252 -6.53 3.95 -7.20
C LEU A 252 -5.21 4.66 -7.49
N GLN A 253 -4.59 5.25 -6.48
CA GLN A 253 -3.31 5.93 -6.66
C GLN A 253 -2.26 4.97 -7.20
N GLY A 254 -2.19 3.77 -6.62
CA GLY A 254 -1.20 2.80 -7.04
C GLY A 254 -1.27 2.40 -8.49
N GLN A 255 -2.46 2.06 -8.97
CA GLN A 255 -2.58 1.65 -10.36
C GLN A 255 -2.29 2.80 -11.30
N TRP A 256 -2.71 4.01 -10.95
CA TRP A 256 -2.42 5.11 -11.84
C TRP A 256 -0.94 5.49 -11.82
N ARG A 257 -0.24 5.24 -10.71
CA ARG A 257 1.20 5.47 -10.74
C ARG A 257 1.86 4.45 -11.68
N ASN A 258 1.34 3.21 -11.71
CA ASN A 258 1.90 2.20 -12.62
C ASN A 258 1.73 2.69 -14.06
N ILE A 259 0.54 3.21 -14.36
CA ILE A 259 0.25 3.71 -15.69
C ILE A 259 1.17 4.88 -16.01
N ALA A 260 1.29 5.84 -15.10
CA ALA A 260 2.17 6.98 -15.35
C ALA A 260 3.63 6.55 -15.53
N ARG A 261 4.09 5.60 -14.72
CA ARG A 261 5.48 5.15 -14.84
C ARG A 261 5.72 4.54 -16.23
N ALA A 262 4.76 3.77 -16.70
CA ALA A 262 4.88 3.15 -18.02
C ALA A 262 4.87 4.23 -19.09
N GLN A 263 3.96 5.19 -18.96
CA GLN A 263 3.87 6.29 -19.93
C GLN A 263 5.19 7.05 -19.98
N ILE A 264 5.77 7.35 -18.83
CA ILE A 264 7.03 8.08 -18.79
C ILE A 264 8.14 7.30 -19.51
N LEU A 265 8.22 6.00 -19.24
CA LEU A 265 9.22 5.16 -19.88
C LEU A 265 9.04 5.23 -21.40
N LEU A 266 7.80 5.29 -21.85
CA LEU A 266 7.49 5.33 -23.28
C LEU A 266 7.52 6.74 -23.89
N GLY A 267 7.94 7.72 -23.11
CA GLY A 267 7.99 9.09 -23.60
C GLY A 267 6.67 9.82 -23.71
N GLU A 268 5.60 9.25 -23.15
CA GLU A 268 4.28 9.88 -23.20
C GLU A 268 4.17 10.79 -21.98
N PHE A 269 4.97 11.85 -22.01
CA PHE A 269 5.05 12.79 -20.90
C PHE A 269 3.79 13.59 -20.61
N GLU A 270 3.12 14.07 -21.65
CA GLU A 270 1.91 14.86 -21.47
C GLU A 270 0.83 14.13 -20.67
N PRO A 271 0.40 12.94 -21.13
CA PRO A 271 -0.63 12.25 -20.35
C PRO A 271 -0.19 11.86 -18.93
N ALA A 272 1.08 11.50 -18.78
CA ALA A 272 1.58 11.13 -17.46
C ALA A 272 1.57 12.30 -16.50
N GLU A 273 1.91 13.49 -16.98
CA GLU A 273 1.92 14.65 -16.10
C GLU A 273 0.50 14.94 -15.65
N ILE A 274 -0.47 14.80 -16.55
CA ILE A 274 -1.86 15.04 -16.21
C ILE A 274 -2.29 14.03 -15.15
N VAL A 275 -1.87 12.77 -15.30
CA VAL A 275 -2.22 11.75 -14.31
C VAL A 275 -1.66 12.13 -12.93
N LEU A 276 -0.36 12.40 -12.88
CA LEU A 276 0.29 12.72 -11.62
C LEU A 276 -0.25 13.97 -10.95
N GLU A 277 -0.60 14.99 -11.74
CA GLU A 277 -1.14 16.19 -11.13
C GLU A 277 -2.49 15.88 -10.48
N GLU A 278 -3.29 15.03 -11.14
CA GLU A 278 -4.59 14.65 -10.60
C GLU A 278 -4.41 13.84 -9.32
N LEU A 279 -3.45 12.91 -9.33
CA LEU A 279 -3.18 12.12 -8.13
C LEU A 279 -2.70 13.01 -7.00
N ASN A 280 -1.90 14.02 -7.31
CA ASN A 280 -1.43 14.91 -6.25
C ASN A 280 -2.55 15.77 -5.66
N GLU A 281 -3.54 16.13 -6.46
CA GLU A 281 -4.65 16.92 -5.92
C GLU A 281 -5.35 16.07 -4.87
N ASN A 282 -5.54 14.80 -5.19
CA ASN A 282 -6.20 13.87 -4.28
C ASN A 282 -5.34 13.63 -3.04
N ALA A 283 -4.06 13.40 -3.23
CA ALA A 283 -3.17 13.16 -2.11
C ALA A 283 -3.12 14.36 -1.17
N ARG A 284 -3.06 15.56 -1.71
CA ARG A 284 -3.02 16.73 -0.84
C ARG A 284 -4.32 16.90 -0.09
N SER A 285 -5.43 16.62 -0.75
CA SER A 285 -6.75 16.78 -0.13
C SER A 285 -6.97 15.85 1.07
N LEU A 286 -6.34 14.67 1.02
CA LEU A 286 -6.50 13.70 2.11
C LEU A 286 -5.25 13.59 2.97
N ARG A 287 -4.29 14.48 2.75
CA ARG A 287 -3.03 14.47 3.49
C ARG A 287 -2.31 13.12 3.38
N LEU A 288 -2.37 12.52 2.19
CA LEU A 288 -1.72 11.24 1.95
C LEU A 288 -0.26 11.54 1.56
N MET A 289 0.56 11.84 2.55
N MET A 289 0.55 11.85 2.56
CA MET A 289 1.95 12.21 2.30
CA MET A 289 1.94 12.20 2.31
C MET A 289 2.78 11.14 1.61
C MET A 289 2.78 11.14 1.61
N SER A 290 2.48 9.86 1.87
CA SER A 290 3.22 8.80 1.22
C SER A 290 2.93 8.81 -0.28
N ASP A 291 1.66 8.90 -0.65
CA ASP A 291 1.30 8.97 -2.07
C ASP A 291 1.96 10.20 -2.70
N LEU A 292 1.87 11.33 -2.02
CA LEU A 292 2.46 12.56 -2.54
C LEU A 292 3.96 12.36 -2.80
N ASN A 293 4.67 11.74 -1.85
CA ASN A 293 6.10 11.53 -2.02
C ASN A 293 6.40 10.63 -3.21
N ARG A 294 5.60 9.57 -3.40
CA ARG A 294 5.82 8.69 -4.55
C ARG A 294 5.53 9.42 -5.86
N ASN A 295 4.46 10.19 -5.87
CA ASN A 295 4.04 10.91 -7.07
C ASN A 295 5.06 11.98 -7.46
N LEU A 296 5.61 12.67 -6.48
CA LEU A 296 6.62 13.70 -6.78
C LEU A 296 7.85 13.05 -7.38
N LEU A 297 8.18 11.82 -6.96
CA LEU A 297 9.35 11.17 -7.52
C LEU A 297 9.09 10.76 -8.96
N LEU A 298 7.86 10.38 -9.28
CA LEU A 298 7.55 10.03 -10.65
C LEU A 298 7.56 11.31 -11.50
N LEU A 299 7.07 12.41 -10.95
CA LEU A 299 7.09 13.69 -11.67
C LEU A 299 8.54 14.06 -11.92
N ASN A 300 9.40 13.82 -10.94
CA ASN A 300 10.81 14.14 -11.13
C ASN A 300 11.36 13.34 -12.31
N GLN A 301 11.04 12.04 -12.36
CA GLN A 301 11.52 11.18 -13.44
C GLN A 301 11.01 11.71 -14.78
N LEU A 302 9.74 12.09 -14.82
CA LEU A 302 9.12 12.62 -16.02
C LEU A 302 9.88 13.84 -16.51
N TYR A 303 10.01 14.85 -15.65
CA TYR A 303 10.70 16.07 -16.03
C TYR A 303 12.14 15.78 -16.44
N TRP A 304 12.82 14.92 -15.68
CA TRP A 304 14.20 14.60 -16.01
C TRP A 304 14.33 13.97 -17.39
N GLN A 305 13.51 12.96 -17.67
CA GLN A 305 13.56 12.28 -18.95
C GLN A 305 13.15 13.21 -20.09
N ALA A 306 12.30 14.18 -19.79
CA ALA A 306 11.81 15.14 -20.79
C ALA A 306 12.81 16.28 -21.01
N GLY A 307 13.86 16.31 -20.20
CA GLY A 307 14.86 17.35 -20.33
C GLY A 307 14.45 18.67 -19.70
N ARG A 308 13.42 18.65 -18.87
CA ARG A 308 12.95 19.87 -18.20
C ARG A 308 13.70 19.96 -16.87
N LYS A 309 14.93 20.44 -16.93
CA LYS A 309 15.81 20.53 -15.78
C LYS A 309 15.30 21.32 -14.61
N SER A 310 14.74 22.50 -14.86
CA SER A 310 14.25 23.33 -13.77
C SER A 310 13.14 22.63 -13.03
N ASP A 311 12.17 22.11 -13.77
CA ASP A 311 11.05 21.41 -13.15
C ASP A 311 11.52 20.18 -12.39
N ALA A 312 12.46 19.44 -12.97
CA ALA A 312 12.98 18.25 -12.30
C ALA A 312 13.62 18.62 -10.97
N GLN A 313 14.44 19.66 -10.96
CA GLN A 313 15.09 20.08 -9.72
C GLN A 313 14.07 20.54 -8.68
N ARG A 314 13.10 21.33 -9.12
CA ARG A 314 12.08 21.84 -8.22
C ARG A 314 11.34 20.73 -7.51
N VAL A 315 10.88 19.73 -8.25
CA VAL A 315 10.12 18.66 -7.59
C VAL A 315 11.02 17.72 -6.79
N LEU A 316 12.29 17.57 -7.18
CA LEU A 316 13.19 16.72 -6.40
C LEU A 316 13.40 17.40 -5.05
N LEU A 317 13.58 18.73 -5.04
CA LEU A 317 13.74 19.42 -3.76
C LEU A 317 12.48 19.26 -2.92
N ASP A 318 11.31 19.32 -3.56
CA ASP A 318 10.05 19.14 -2.83
C ASP A 318 10.00 17.73 -2.25
N ALA A 319 10.40 16.75 -3.04
CA ALA A 319 10.38 15.36 -2.59
C ALA A 319 11.33 15.14 -1.41
N LEU A 320 12.53 15.72 -1.48
CA LEU A 320 13.47 15.56 -0.40
C LEU A 320 12.93 16.22 0.87
N LYS A 321 12.29 17.38 0.71
CA LYS A 321 11.75 18.06 1.87
C LYS A 321 10.62 17.22 2.50
N LEU A 322 9.74 16.69 1.65
CA LEU A 322 8.63 15.88 2.13
C LEU A 322 9.15 14.62 2.84
N ALA A 323 10.27 14.09 2.36
CA ALA A 323 10.82 12.90 2.99
C ALA A 323 11.30 13.17 4.43
N ASN A 324 11.42 14.44 4.81
CA ASN A 324 11.80 14.74 6.19
C ASN A 324 10.66 14.27 7.09
N ARG A 325 9.45 14.18 6.53
CA ARG A 325 8.29 13.72 7.29
C ARG A 325 7.95 12.25 7.04
N THR A 326 8.06 11.80 5.79
CA THR A 326 7.74 10.40 5.48
C THR A 326 8.85 9.42 5.81
N GLY A 327 10.10 9.89 5.82
CA GLY A 327 11.23 9.01 6.06
C GLY A 327 11.59 8.14 4.86
N PHE A 328 10.99 8.42 3.70
CA PHE A 328 11.28 7.61 2.51
C PHE A 328 12.73 7.67 2.05
N ILE A 329 13.28 6.50 1.72
CA ILE A 329 14.64 6.40 1.19
C ILE A 329 14.63 5.55 -0.08
N SER A 330 14.13 4.33 0.03
CA SER A 330 14.16 3.44 -1.12
C SER A 330 13.41 3.92 -2.37
N HIS A 331 12.36 4.72 -2.19
CA HIS A 331 11.62 5.22 -3.34
C HIS A 331 12.52 6.10 -4.20
N PHE A 332 13.52 6.71 -3.57
CA PHE A 332 14.46 7.54 -4.32
C PHE A 332 15.51 6.63 -4.97
N VAL A 333 15.96 5.63 -4.21
CA VAL A 333 16.99 4.71 -4.66
C VAL A 333 16.67 3.95 -5.94
N ILE A 334 15.43 3.52 -6.11
CA ILE A 334 15.08 2.77 -7.31
C ILE A 334 15.18 3.60 -8.58
N GLU A 335 15.30 4.93 -8.45
CA GLU A 335 15.41 5.75 -9.64
C GLU A 335 16.85 5.76 -10.18
N GLY A 336 17.71 4.99 -9.53
CA GLY A 336 19.09 4.79 -9.97
C GLY A 336 19.97 5.93 -10.45
N GLU A 337 20.61 5.73 -11.59
CA GLU A 337 21.54 6.72 -12.14
C GLU A 337 20.95 8.10 -12.35
N ALA A 338 19.71 8.18 -12.83
CA ALA A 338 19.10 9.49 -13.02
C ALA A 338 19.02 10.22 -11.68
N MET A 339 18.67 9.46 -10.64
CA MET A 339 18.58 10.06 -9.32
C MET A 339 19.97 10.41 -8.80
N ALA A 340 20.93 9.50 -9.00
CA ALA A 340 22.29 9.72 -8.53
C ALA A 340 22.90 10.97 -9.16
N GLN A 341 22.71 11.15 -10.45
N GLN A 341 22.69 11.14 -10.46
CA GLN A 341 23.25 12.33 -11.12
CA GLN A 341 23.22 12.32 -11.19
C GLN A 341 22.65 13.58 -10.50
C GLN A 341 22.62 13.61 -10.63
N GLN A 342 21.32 13.61 -10.38
CA GLN A 342 20.64 14.77 -9.84
C GLN A 342 21.10 15.07 -8.42
N LEU A 343 21.23 14.03 -7.60
CA LEU A 343 21.65 14.25 -6.22
C LEU A 343 23.10 14.72 -6.14
N ARG A 344 23.97 14.17 -6.98
CA ARG A 344 25.36 14.59 -6.95
C ARG A 344 25.42 16.09 -7.24
N GLN A 345 24.61 16.52 -8.22
N GLN A 345 24.66 16.55 -8.22
CA GLN A 345 24.54 17.93 -8.61
CA GLN A 345 24.71 17.98 -8.49
C GLN A 345 24.09 18.81 -7.44
C GLN A 345 24.18 18.76 -7.30
N LEU A 346 23.03 18.37 -6.75
CA LEU A 346 22.50 19.11 -5.61
C LEU A 346 23.48 19.18 -4.45
N ILE A 347 24.14 18.06 -4.17
CA ILE A 347 25.10 18.01 -3.10
C ILE A 347 26.31 18.90 -3.38
N GLN A 348 26.78 18.88 -4.62
CA GLN A 348 27.92 19.70 -5.01
C GLN A 348 27.65 21.21 -4.94
N LEU A 349 26.40 21.61 -5.13
CA LEU A 349 26.06 23.03 -5.07
C LEU A 349 26.16 23.58 -3.65
N ASN A 350 26.16 22.69 -2.65
CA ASN A 350 26.29 23.08 -1.25
C ASN A 350 25.19 23.98 -0.71
N THR A 351 23.99 23.91 -1.27
CA THR A 351 22.91 24.77 -0.82
C THR A 351 21.75 24.05 -0.14
N LEU A 352 21.78 22.72 -0.11
CA LEU A 352 20.69 22.00 0.53
C LEU A 352 20.72 22.17 2.04
N PRO A 353 19.53 22.23 2.68
CA PRO A 353 19.46 22.36 4.13
C PRO A 353 20.06 21.06 4.67
N GLU A 354 20.55 21.07 5.90
CA GLU A 354 21.18 19.91 6.50
C GLU A 354 20.41 18.59 6.39
N LEU A 355 19.13 18.59 6.72
CA LEU A 355 18.35 17.35 6.67
C LEU A 355 18.31 16.75 5.27
N GLU A 356 17.95 17.57 4.28
CA GLU A 356 17.89 17.10 2.91
C GLU A 356 19.26 16.69 2.39
N GLN A 357 20.31 17.40 2.80
CA GLN A 357 21.65 17.06 2.35
C GLN A 357 22.00 15.65 2.86
N HIS A 358 21.69 15.40 4.13
CA HIS A 358 21.97 14.10 4.72
C HIS A 358 21.22 12.99 4.01
N ARG A 359 19.95 13.22 3.68
CA ARG A 359 19.19 12.17 3.00
C ARG A 359 19.73 11.98 1.59
N ALA A 360 20.07 13.08 0.92
CA ALA A 360 20.61 12.98 -0.43
C ALA A 360 21.87 12.11 -0.41
N GLN A 361 22.74 12.34 0.57
CA GLN A 361 23.97 11.56 0.69
C GLN A 361 23.68 10.09 0.96
N ARG A 362 22.71 9.82 1.82
CA ARG A 362 22.33 8.43 2.13
C ARG A 362 21.84 7.72 0.87
N ILE A 363 20.97 8.40 0.12
CA ILE A 363 20.43 7.83 -1.10
C ILE A 363 21.53 7.54 -2.11
N LEU A 364 22.43 8.50 -2.30
CA LEU A 364 23.51 8.33 -3.25
C LEU A 364 24.36 7.11 -2.84
N ARG A 365 24.45 6.85 -1.53
CA ARG A 365 25.21 5.69 -1.03
C ARG A 365 24.49 4.38 -1.35
N GLU A 366 23.17 4.38 -1.17
CA GLU A 366 22.36 3.20 -1.45
C GLU A 366 22.48 2.84 -2.93
N ILE A 367 22.45 3.86 -3.78
CA ILE A 367 22.55 3.67 -5.23
C ILE A 367 23.92 3.18 -5.69
N ASN A 368 24.99 3.79 -5.18
CA ASN A 368 26.33 3.38 -5.58
C ASN A 368 26.70 2.01 -5.03
S SO4 B . 5.37 0.98 -1.60
O1 SO4 B . 3.98 0.73 -1.18
O2 SO4 B . 5.53 0.63 -3.02
O3 SO4 B . 5.67 2.41 -1.42
O4 SO4 B . 6.29 0.16 -0.80
S SO4 C . 5.67 9.67 12.52
O1 SO4 C . 4.67 8.60 12.70
O2 SO4 C . 6.81 9.18 11.72
O3 SO4 C . 5.01 10.81 11.86
O4 SO4 C . 6.16 10.09 13.86
S SO4 D . -32.16 -6.60 1.96
O1 SO4 D . -33.31 -6.82 1.06
O2 SO4 D . -30.91 -6.72 1.20
O3 SO4 D . -32.25 -5.26 2.57
O4 SO4 D . -32.20 -7.61 3.04
S SO4 E . 14.49 -16.60 -3.99
O1 SO4 E . 13.24 -16.80 -3.24
O2 SO4 E . 14.26 -16.72 -5.44
O3 SO4 E . 15.03 -15.26 -3.70
O4 SO4 E . 15.47 -17.62 -3.56
S SO4 F . 0.40 -8.48 -18.93
O1 SO4 F . 0.09 -9.84 -19.43
O2 SO4 F . -0.40 -7.50 -19.68
O3 SO4 F . 0.04 -8.42 -17.48
O4 SO4 F . 1.83 -8.17 -19.13
S SO4 G . -3.21 -4.80 -28.98
O1 SO4 G . -4.08 -5.98 -28.83
O2 SO4 G . -3.94 -3.60 -28.51
O3 SO4 G . -1.99 -5.00 -28.19
O4 SO4 G . -2.85 -4.62 -30.39
S SO4 H . 14.85 23.73 -18.70
O1 SO4 H . 15.73 22.61 -19.10
O2 SO4 H . 13.43 23.37 -18.95
O3 SO4 H . 15.03 24.02 -17.27
O4 SO4 H . 15.18 24.92 -19.52
S SO4 I . -12.29 12.41 7.94
O1 SO4 I . -10.86 12.17 7.73
O2 SO4 I . -12.91 11.27 8.64
O3 SO4 I . -12.47 13.63 8.77
O4 SO4 I . -12.99 12.61 6.66
C BEZ J . -6.53 -16.20 11.11
O1 BEZ J . -5.72 -15.55 10.36
O2 BEZ J . -7.27 -17.14 10.67
C1 BEZ J . -6.56 -15.80 12.56
C2 BEZ J . -5.81 -14.71 13.07
C3 BEZ J . -5.88 -14.38 14.44
C4 BEZ J . -6.69 -15.12 15.30
C5 BEZ J . -7.46 -16.20 14.83
C6 BEZ J . -7.39 -16.55 13.47
C1 GOL K . 7.47 3.74 -6.24
O1 GOL K . 6.46 4.43 -6.97
C2 GOL K . 6.87 2.44 -5.67
O2 GOL K . 5.74 2.66 -4.84
C3 GOL K . 7.92 1.64 -4.87
O3 GOL K . 7.66 0.24 -4.86
#